data_4XYW
#
_entry.id   4XYW
#
_cell.length_a   114.311
_cell.length_b   114.311
_cell.length_c   183.479
_cell.angle_alpha   90.00
_cell.angle_beta   90.00
_cell.angle_gamma   120.00
#
_symmetry.space_group_name_H-M   'H 3 2'
#
loop_
_entity.id
_entity.type
_entity.pdbx_description
1 polymer 'O-antigen biosynthesis glycosyltransferase WbnH'
2 non-polymer 'SULFATE ION'
3 water water
#
_entity_poly.entity_id   1
_entity_poly.type   'polypeptide(L)'
_entity_poly.pdbx_seq_one_letter_code
;MKNVGFIVTKSEIGGAQTWVNEISNLIKEECNIFLITSEEGWLTHKDVFAGVFVIPGIKKYFDFLTLFKLRKILKENNIS
TLIASSANAGVYARLVRLLVDFKCIYVSHGWSCLYNGGRLKSIFCIVEKYLSLLTDVIWCVSKNDEKKAIENIGIKEPKI
ITVSNSVPQMPRCNNKQLQYKVLFVGRLTHPKRPELLANVISKKPQYSLHIVGGGERLESLKKQFSECENIHFLGEVNNF
YNYHEYDLFSLISDSEGLPMSGLEAHTAAIPLLLSDVGGCFELIEGNGLLVENTEDDIGYKLDKIFDDYENYREQAIRAS
GKFVIENYASAYKSIILG
;
_entity_poly.pdbx_strand_id   A
#
# COMPACT_ATOMS: atom_id res chain seq x y z
N MET A 1 1.87 -28.57 8.84
CA MET A 1 1.46 -27.17 8.74
C MET A 1 1.15 -26.78 7.30
N LYS A 2 0.18 -25.89 7.13
CA LYS A 2 -0.21 -25.38 5.82
C LYS A 2 0.91 -24.62 5.08
N ASN A 3 0.97 -24.76 3.74
CA ASN A 3 1.89 -23.97 2.91
C ASN A 3 1.19 -22.85 2.14
N VAL A 4 1.62 -21.62 2.38
CA VAL A 4 1.01 -20.48 1.70
C VAL A 4 2.06 -19.78 0.85
N GLY A 5 1.68 -19.33 -0.32
CA GLY A 5 2.59 -18.59 -1.17
C GLY A 5 2.12 -17.19 -1.43
N PHE A 6 3.05 -16.24 -1.47
CA PHE A 6 2.80 -14.91 -1.97
C PHE A 6 3.55 -14.76 -3.28
N ILE A 7 2.87 -14.30 -4.33
CA ILE A 7 3.55 -14.02 -5.58
C ILE A 7 3.40 -12.52 -5.91
N VAL A 8 4.55 -11.91 -6.24
CA VAL A 8 4.67 -10.46 -6.53
C VAL A 8 5.52 -10.29 -7.77
N THR A 9 5.54 -9.10 -8.34
CA THR A 9 6.42 -8.89 -9.49
C THR A 9 7.79 -8.37 -9.03
N LYS A 10 7.78 -7.31 -8.24
CA LYS A 10 9.02 -6.69 -7.79
C LYS A 10 9.31 -7.07 -6.34
N SER A 11 10.56 -6.94 -5.92
CA SER A 11 10.95 -7.24 -4.55
C SER A 11 11.37 -5.99 -3.74
N GLU A 12 11.35 -4.82 -4.39
CA GLU A 12 11.74 -3.56 -3.75
C GLU A 12 10.81 -3.21 -2.58
N ILE A 13 11.30 -2.45 -1.62
CA ILE A 13 10.48 -2.06 -0.48
C ILE A 13 9.32 -1.16 -0.92
N GLY A 14 8.23 -1.16 -0.16
CA GLY A 14 7.10 -0.31 -0.47
C GLY A 14 5.95 -1.02 -1.16
N GLY A 15 4.79 -0.37 -1.15
CA GLY A 15 3.61 -0.86 -1.84
C GLY A 15 3.22 -2.27 -1.45
N ALA A 16 2.99 -3.11 -2.45
CA ALA A 16 2.55 -4.49 -2.24
C ALA A 16 3.58 -5.29 -1.44
N GLN A 17 4.87 -5.03 -1.70
CA GLN A 17 5.91 -5.81 -1.06
C GLN A 17 5.91 -5.61 0.45
N THR A 18 5.75 -4.35 0.88
CA THR A 18 5.60 -4.04 2.30
C THR A 18 4.35 -4.73 2.87
N TRP A 19 3.27 -4.73 2.09
CA TRP A 19 2.06 -5.44 2.50
C TRP A 19 2.33 -6.95 2.69
N VAL A 20 2.92 -7.57 1.67
CA VAL A 20 3.29 -8.98 1.75
C VAL A 20 4.12 -9.25 3.00
N ASN A 21 5.15 -8.44 3.23
CA ASN A 21 5.99 -8.60 4.42
C ASN A 21 5.17 -8.53 5.70
N GLU A 22 4.38 -7.47 5.81
CA GLU A 22 3.52 -7.28 6.97
C GLU A 22 2.50 -8.42 7.17
N ILE A 23 1.88 -8.88 6.10
CA ILE A 23 0.93 -9.99 6.21
C ILE A 23 1.65 -11.30 6.58
N SER A 24 2.82 -11.54 5.98
CA SER A 24 3.62 -12.71 6.31
C SER A 24 3.98 -12.76 7.80
N ASN A 25 4.37 -11.62 8.37
CA ASN A 25 4.68 -11.56 9.81
C ASN A 25 3.47 -11.94 10.66
N LEU A 26 2.29 -11.53 10.21
CA LEU A 26 1.04 -11.82 10.92
C LEU A 26 0.71 -13.30 11.02
N ILE A 27 0.86 -14.01 9.90
CA ILE A 27 0.43 -15.40 9.84
C ILE A 27 1.55 -16.39 10.06
N LYS A 28 2.76 -15.89 10.27
CA LYS A 28 3.98 -16.70 10.22
C LYS A 28 4.01 -17.87 11.21
N GLU A 29 3.19 -17.83 12.25
CA GLU A 29 3.22 -18.90 13.24
C GLU A 29 2.21 -19.97 12.93
N GLU A 30 1.40 -19.75 11.89
CA GLU A 30 0.31 -20.68 11.58
C GLU A 30 0.47 -21.40 10.23
N CYS A 31 1.57 -21.14 9.54
CA CYS A 31 1.79 -21.75 8.24
C CYS A 31 3.22 -21.57 7.79
N ASN A 32 3.61 -22.28 6.72
CA ASN A 32 4.86 -22.00 6.07
C ASN A 32 4.60 -21.06 4.91
N ILE A 33 5.46 -20.05 4.74
CA ILE A 33 5.26 -19.03 3.71
C ILE A 33 6.35 -19.13 2.63
N PHE A 34 5.94 -19.15 1.37
CA PHE A 34 6.90 -19.11 0.26
C PHE A 34 6.71 -17.83 -0.56
N LEU A 35 7.81 -17.26 -1.04
CA LEU A 35 7.72 -16.06 -1.85
C LEU A 35 8.04 -16.38 -3.31
N ILE A 36 7.23 -15.85 -4.22
CA ILE A 36 7.52 -15.98 -5.65
C ILE A 36 7.58 -14.59 -6.24
N THR A 37 8.69 -14.28 -6.87
CA THR A 37 8.96 -12.95 -7.38
C THR A 37 9.83 -13.03 -8.64
N SER A 38 9.87 -11.95 -9.41
CA SER A 38 10.68 -11.89 -10.62
C SER A 38 12.17 -11.61 -10.33
N GLU A 39 12.45 -10.87 -9.27
CA GLU A 39 13.82 -10.42 -9.01
C GLU A 39 14.21 -10.58 -7.55
N GLU A 40 15.50 -10.45 -7.26
CA GLU A 40 15.90 -10.39 -5.88
C GLU A 40 15.88 -8.93 -5.44
N GLY A 41 15.89 -8.73 -4.13
CA GLY A 41 15.72 -7.39 -3.58
C GLY A 41 15.34 -7.46 -2.12
N TRP A 42 14.92 -6.33 -1.57
CA TRP A 42 14.57 -6.22 -0.16
C TRP A 42 13.68 -7.37 0.38
N LEU A 43 12.59 -7.67 -0.30
CA LEU A 43 11.64 -8.69 0.18
C LEU A 43 12.26 -10.08 0.25
N THR A 44 13.11 -10.38 -0.72
CA THR A 44 13.59 -11.73 -0.83
C THR A 44 14.66 -12.06 0.24
N HIS A 45 15.15 -11.04 0.94
CA HIS A 45 16.13 -11.23 2.01
C HIS A 45 15.47 -11.41 3.39
N LYS A 46 14.15 -11.33 3.40
CA LYS A 46 13.37 -11.48 4.63
C LYS A 46 13.35 -12.94 5.09
N ASP A 47 13.69 -13.18 6.34
CA ASP A 47 13.81 -14.53 6.87
C ASP A 47 12.47 -15.24 7.14
N VAL A 48 11.35 -14.52 7.02
CA VAL A 48 10.05 -15.15 7.29
C VAL A 48 9.70 -16.22 6.28
N PHE A 49 10.34 -16.17 5.12
CA PHE A 49 10.02 -17.12 4.04
C PHE A 49 10.76 -18.43 4.20
N ALA A 50 10.00 -19.51 4.21
CA ALA A 50 10.55 -20.86 4.22
C ALA A 50 11.32 -21.11 2.93
N GLY A 51 10.94 -20.42 1.87
CA GLY A 51 11.67 -20.52 0.62
C GLY A 51 11.33 -19.38 -0.30
N VAL A 52 12.25 -19.06 -1.21
CA VAL A 52 12.05 -17.99 -2.16
C VAL A 52 12.32 -18.47 -3.58
N PHE A 53 11.42 -18.17 -4.53
CA PHE A 53 11.59 -18.60 -5.90
C PHE A 53 11.63 -17.40 -6.82
N VAL A 54 12.78 -17.17 -7.46
CA VAL A 54 12.97 -16.04 -8.38
C VAL A 54 12.78 -16.45 -9.84
N ILE A 55 11.64 -16.07 -10.42
CA ILE A 55 11.33 -16.39 -11.81
C ILE A 55 11.33 -15.11 -12.63
N PRO A 56 12.41 -14.85 -13.39
CA PRO A 56 12.46 -13.57 -14.08
C PRO A 56 11.37 -13.42 -15.14
N GLY A 57 10.88 -14.55 -15.65
CA GLY A 57 9.80 -14.55 -16.62
C GLY A 57 8.53 -13.87 -16.15
N ILE A 58 8.37 -13.75 -14.83
CA ILE A 58 7.23 -13.04 -14.27
C ILE A 58 7.20 -11.57 -14.75
N LYS A 59 8.37 -11.00 -15.07
CA LYS A 59 8.43 -9.62 -15.57
C LYS A 59 7.66 -9.45 -16.89
N LYS A 60 7.39 -10.56 -17.58
CA LYS A 60 6.59 -10.55 -18.79
C LYS A 60 5.10 -10.71 -18.45
N TYR A 61 4.23 -10.01 -19.16
CA TYR A 61 2.81 -10.00 -18.82
C TYR A 61 2.28 -11.42 -18.98
N PHE A 62 2.71 -12.09 -20.03
CA PHE A 62 2.47 -13.52 -20.14
C PHE A 62 3.58 -14.27 -20.87
N ASP A 63 3.76 -15.54 -20.50
CA ASP A 63 4.80 -16.43 -21.05
C ASP A 63 4.53 -17.88 -20.61
N PHE A 64 4.39 -18.80 -21.56
CA PHE A 64 3.96 -20.16 -21.23
C PHE A 64 4.88 -20.88 -20.26
N LEU A 65 6.19 -20.75 -20.46
CA LEU A 65 7.14 -21.51 -19.67
C LEU A 65 7.19 -20.95 -18.24
N THR A 66 6.93 -19.66 -18.08
CA THR A 66 6.81 -19.07 -16.76
C THR A 66 5.59 -19.63 -16.02
N LEU A 67 4.47 -19.74 -16.74
CA LEU A 67 3.27 -20.38 -16.23
C LEU A 67 3.58 -21.78 -15.71
N PHE A 68 4.26 -22.60 -16.53
CA PHE A 68 4.58 -23.99 -16.17
C PHE A 68 5.52 -24.09 -14.97
N LYS A 69 6.45 -23.14 -14.86
CA LYS A 69 7.37 -23.11 -13.71
C LYS A 69 6.59 -22.77 -12.43
N LEU A 70 5.62 -21.88 -12.53
CA LEU A 70 4.75 -21.63 -11.38
C LEU A 70 4.00 -22.93 -10.97
N ARG A 71 3.47 -23.66 -11.95
CA ARG A 71 2.77 -24.92 -11.65
C ARG A 71 3.69 -25.87 -10.91
N LYS A 72 4.91 -26.01 -11.42
CA LYS A 72 5.91 -26.87 -10.79
C LYS A 72 6.14 -26.47 -9.34
N ILE A 73 6.31 -25.18 -9.09
CA ILE A 73 6.53 -24.68 -7.73
C ILE A 73 5.38 -25.01 -6.77
N LEU A 74 4.14 -24.75 -7.20
CA LEU A 74 2.99 -24.99 -6.33
C LEU A 74 2.89 -26.47 -5.96
N LYS A 75 3.05 -27.34 -6.95
CA LYS A 75 2.91 -28.78 -6.72
C LYS A 75 4.04 -29.35 -5.85
N GLU A 76 5.29 -29.01 -6.19
CA GLU A 76 6.44 -29.59 -5.51
C GLU A 76 6.60 -29.09 -4.08
N ASN A 77 6.00 -27.94 -3.78
CA ASN A 77 6.08 -27.36 -2.44
C ASN A 77 4.74 -27.43 -1.73
N ASN A 78 3.80 -28.14 -2.36
CA ASN A 78 2.50 -28.43 -1.77
C ASN A 78 1.86 -27.13 -1.25
N ILE A 79 1.75 -26.15 -2.13
CA ILE A 79 1.21 -24.86 -1.72
C ILE A 79 -0.30 -24.81 -2.01
N SER A 80 -1.10 -24.69 -0.95
CA SER A 80 -2.55 -24.80 -1.09
C SER A 80 -3.27 -23.44 -1.11
N THR A 81 -2.53 -22.36 -0.86
CA THR A 81 -3.07 -21.02 -1.02
C THR A 81 -2.02 -20.13 -1.64
N LEU A 82 -2.42 -19.39 -2.67
CA LEU A 82 -1.50 -18.48 -3.34
C LEU A 82 -2.14 -17.11 -3.34
N ILE A 83 -1.40 -16.13 -2.83
CA ILE A 83 -1.91 -14.77 -2.72
C ILE A 83 -1.15 -13.88 -3.67
N ALA A 84 -1.85 -13.38 -4.69
CA ALA A 84 -1.16 -12.63 -5.76
C ALA A 84 -1.36 -11.12 -5.65
N SER A 85 -0.28 -10.39 -5.85
CA SER A 85 -0.26 -8.95 -5.82
C SER A 85 0.47 -8.42 -7.03
N SER A 86 -0.13 -7.46 -7.72
CA SER A 86 0.36 -6.88 -8.96
C SER A 86 -0.17 -7.59 -10.18
N ALA A 87 -0.28 -6.88 -11.27
CA ALA A 87 -0.95 -7.37 -12.42
C ALA A 87 -0.34 -8.63 -12.97
N ASN A 88 0.96 -8.61 -13.19
CA ASN A 88 1.64 -9.73 -13.78
C ASN A 88 1.53 -10.96 -12.92
N ALA A 89 1.79 -10.82 -11.65
CA ALA A 89 1.66 -11.92 -10.71
C ALA A 89 0.25 -12.48 -10.79
N GLY A 90 -0.73 -11.60 -10.96
CA GLY A 90 -2.13 -12.00 -10.95
C GLY A 90 -2.47 -12.82 -12.18
N VAL A 91 -1.79 -12.52 -13.29
CA VAL A 91 -2.02 -13.21 -14.56
C VAL A 91 -1.63 -14.68 -14.41
N TYR A 92 -0.41 -14.92 -13.93
CA TYR A 92 0.07 -16.28 -13.69
C TYR A 92 -0.69 -17.01 -12.59
N ALA A 93 -0.96 -16.33 -11.46
CA ALA A 93 -1.64 -16.96 -10.33
C ALA A 93 -3.05 -17.50 -10.69
N ARG A 94 -3.75 -16.80 -11.57
CA ARG A 94 -5.07 -17.25 -11.95
C ARG A 94 -5.08 -18.19 -13.16
N LEU A 95 -4.22 -17.98 -14.16
CA LEU A 95 -4.12 -18.96 -15.23
C LEU A 95 -3.66 -20.30 -14.68
N VAL A 96 -2.75 -20.29 -13.71
CA VAL A 96 -2.23 -21.53 -13.18
C VAL A 96 -3.30 -22.31 -12.39
N ARG A 97 -4.41 -21.66 -12.05
CA ARG A 97 -5.55 -22.35 -11.45
C ARG A 97 -6.13 -23.41 -12.39
N LEU A 98 -5.99 -23.18 -13.68
CA LEU A 98 -6.40 -24.15 -14.68
C LEU A 98 -5.59 -25.44 -14.58
N LEU A 99 -4.40 -25.35 -14.00
CA LEU A 99 -3.44 -26.44 -14.03
C LEU A 99 -3.21 -27.10 -12.68
N VAL A 100 -3.63 -26.42 -11.61
CA VAL A 100 -3.33 -26.83 -10.23
C VAL A 100 -4.50 -26.45 -9.31
N ASP A 101 -4.81 -27.31 -8.35
CA ASP A 101 -5.82 -26.99 -7.35
C ASP A 101 -5.20 -26.34 -6.10
N PHE A 102 -5.63 -25.11 -5.84
CA PHE A 102 -5.23 -24.35 -4.66
C PHE A 102 -6.22 -23.22 -4.55
N LYS A 103 -6.21 -22.53 -3.42
CA LYS A 103 -7.03 -21.35 -3.24
C LYS A 103 -6.31 -20.14 -3.81
N CYS A 104 -6.89 -19.57 -4.87
CA CYS A 104 -6.23 -18.45 -5.53
C CYS A 104 -6.84 -17.14 -5.08
N ILE A 105 -6.03 -16.29 -4.45
CA ILE A 105 -6.46 -15.01 -3.88
C ILE A 105 -5.75 -13.85 -4.60
N TYR A 106 -6.53 -13.01 -5.29
CA TYR A 106 -5.93 -11.84 -5.94
C TYR A 106 -6.27 -10.58 -5.17
N VAL A 107 -5.26 -9.81 -4.79
CA VAL A 107 -5.46 -8.65 -3.90
C VAL A 107 -5.48 -7.38 -4.72
N SER A 108 -6.53 -6.56 -4.54
CA SER A 108 -6.75 -5.36 -5.36
C SER A 108 -5.59 -4.35 -5.40
N HIS A 109 -5.05 -3.99 -4.25
CA HIS A 109 -3.94 -3.01 -4.16
C HIS A 109 -4.17 -1.77 -5.01
N GLY A 110 -5.41 -1.33 -5.07
CA GLY A 110 -5.74 -0.09 -5.72
C GLY A 110 -6.06 -0.20 -7.19
N TRP A 111 -6.10 -1.41 -7.69
CA TRP A 111 -6.32 -1.65 -9.10
C TRP A 111 -5.43 -0.81 -10.00
N SER A 112 -4.17 -0.65 -9.65
CA SER A 112 -3.28 0.17 -10.47
C SER A 112 -3.59 -0.66 -11.71
N CYS A 113 -4.33 -0.06 -12.64
CA CYS A 113 -4.56 -0.70 -13.92
C CYS A 113 -4.29 0.64 -14.52
N LEU A 114 -5.09 1.58 -14.06
CA LEU A 114 -4.87 3.01 -14.25
C LEU A 114 -6.24 3.61 -14.26
N LYS A 121 -8.00 1.80 -21.49
CA LYS A 121 -7.92 1.34 -20.11
C LYS A 121 -8.95 0.24 -19.85
N SER A 122 -10.05 0.28 -20.61
CA SER A 122 -11.12 -0.71 -20.50
C SER A 122 -10.64 -2.07 -20.97
N ILE A 123 -9.35 -2.11 -21.31
CA ILE A 123 -8.70 -3.31 -21.80
C ILE A 123 -8.20 -4.15 -20.64
N PHE A 124 -7.40 -3.56 -19.75
CA PHE A 124 -7.00 -4.22 -18.52
C PHE A 124 -8.25 -4.59 -17.69
N CYS A 125 -9.30 -3.79 -17.81
CA CYS A 125 -10.55 -4.04 -17.09
C CYS A 125 -11.19 -5.36 -17.55
N ILE A 126 -11.18 -5.56 -18.85
CA ILE A 126 -11.69 -6.79 -19.45
C ILE A 126 -10.95 -8.01 -18.90
N VAL A 127 -9.63 -7.96 -19.00
CA VAL A 127 -8.76 -9.03 -18.51
C VAL A 127 -9.06 -9.38 -17.06
N GLU A 128 -9.07 -8.36 -16.21
CA GLU A 128 -9.30 -8.57 -14.79
C GLU A 128 -10.68 -9.19 -14.54
N LYS A 129 -11.67 -8.77 -15.32
CA LYS A 129 -13.01 -9.33 -15.18
C LYS A 129 -12.99 -10.82 -15.44
N TYR A 130 -12.37 -11.22 -16.56
CA TYR A 130 -12.36 -12.61 -16.91
C TYR A 130 -11.42 -13.39 -16.00
N LEU A 131 -10.34 -12.76 -15.53
CA LEU A 131 -9.44 -13.48 -14.63
C LEU A 131 -10.16 -13.78 -13.30
N SER A 132 -11.12 -12.95 -12.93
CA SER A 132 -11.84 -13.17 -11.69
C SER A 132 -12.62 -14.49 -11.73
N LEU A 133 -13.05 -14.88 -12.92
CA LEU A 133 -13.72 -16.17 -13.09
C LEU A 133 -12.84 -17.33 -12.62
N LEU A 134 -11.50 -17.13 -12.68
CA LEU A 134 -10.53 -18.15 -12.27
C LEU A 134 -10.05 -17.96 -10.84
N THR A 135 -10.55 -16.92 -10.17
CA THR A 135 -10.10 -16.56 -8.83
C THR A 135 -11.03 -17.10 -7.77
N ASP A 136 -10.47 -17.68 -6.72
CA ASP A 136 -11.33 -18.15 -5.64
C ASP A 136 -11.77 -16.99 -4.74
N VAL A 137 -10.87 -16.06 -4.44
CA VAL A 137 -11.22 -14.84 -3.69
C VAL A 137 -10.57 -13.57 -4.29
N ILE A 138 -11.40 -12.62 -4.71
CA ILE A 138 -10.92 -11.28 -5.01
C ILE A 138 -10.88 -10.50 -3.69
N TRP A 139 -9.69 -10.26 -3.17
CA TRP A 139 -9.55 -9.55 -1.91
C TRP A 139 -9.41 -8.04 -2.15
N CYS A 140 -10.48 -7.28 -1.90
CA CYS A 140 -10.43 -5.82 -1.97
C CYS A 140 -10.00 -5.22 -0.62
N VAL A 141 -8.94 -4.44 -0.63
CA VAL A 141 -8.38 -3.91 0.61
C VAL A 141 -8.86 -2.49 0.92
N SER A 142 -9.93 -2.06 0.27
CA SER A 142 -10.54 -0.77 0.58
C SER A 142 -11.93 -0.75 -0.04
N LYS A 143 -12.85 0.00 0.56
CA LYS A 143 -14.21 0.12 0.02
C LYS A 143 -14.16 0.72 -1.39
N ASN A 144 -13.20 1.59 -1.63
CA ASN A 144 -13.04 2.15 -2.96
C ASN A 144 -12.54 1.12 -4.00
N ASP A 145 -11.74 0.15 -3.56
CA ASP A 145 -11.30 -0.92 -4.46
C ASP A 145 -12.47 -1.82 -4.77
N GLU A 146 -13.34 -2.02 -3.77
CA GLU A 146 -14.56 -2.80 -3.97
C GLU A 146 -15.50 -2.14 -4.96
N LYS A 147 -15.64 -0.83 -4.87
CA LYS A 147 -16.52 -0.12 -5.79
C LYS A 147 -15.98 -0.18 -7.20
N LYS A 148 -14.66 -0.06 -7.36
CA LYS A 148 -14.03 -0.19 -8.69
C LYS A 148 -14.24 -1.58 -9.30
N ALA A 149 -13.95 -2.62 -8.51
CA ALA A 149 -14.19 -3.99 -8.92
C ALA A 149 -15.63 -4.23 -9.39
N ILE A 150 -16.62 -3.86 -8.58
CA ILE A 150 -18.01 -4.10 -8.93
C ILE A 150 -18.45 -3.24 -10.10
N GLU A 151 -18.13 -1.96 -10.03
CA GLU A 151 -18.63 -0.99 -11.00
C GLU A 151 -17.77 -0.82 -12.25
N ASN A 152 -16.46 -0.58 -12.11
CA ASN A 152 -15.65 -0.32 -13.30
C ASN A 152 -15.10 -1.58 -13.98
N ILE A 153 -14.91 -2.65 -13.21
CA ILE A 153 -14.33 -3.87 -13.77
C ILE A 153 -15.41 -4.89 -14.16
N GLY A 154 -16.45 -5.02 -13.34
CA GLY A 154 -17.54 -5.94 -13.59
C GLY A 154 -17.45 -7.24 -12.81
N ILE A 155 -16.56 -7.30 -11.83
CA ILE A 155 -16.43 -8.48 -11.00
C ILE A 155 -17.70 -8.57 -10.17
N LYS A 156 -18.24 -9.79 -10.05
CA LYS A 156 -19.47 -9.99 -9.26
C LYS A 156 -19.16 -10.04 -7.77
N GLU A 157 -20.07 -9.50 -6.98
CA GLU A 157 -19.91 -9.42 -5.53
C GLU A 157 -19.64 -10.76 -4.83
N PRO A 158 -20.25 -11.87 -5.28
CA PRO A 158 -19.90 -13.14 -4.63
C PRO A 158 -18.39 -13.46 -4.67
N LYS A 159 -17.69 -12.93 -5.67
CA LYS A 159 -16.24 -13.09 -5.78
C LYS A 159 -15.44 -12.33 -4.73
N ILE A 160 -16.02 -11.24 -4.24
CA ILE A 160 -15.30 -10.22 -3.46
C ILE A 160 -15.40 -10.38 -1.95
N ILE A 161 -14.25 -10.37 -1.29
CA ILE A 161 -14.24 -10.15 0.15
C ILE A 161 -13.50 -8.84 0.39
N THR A 162 -14.18 -7.88 1.01
CA THR A 162 -13.61 -6.58 1.26
C THR A 162 -13.24 -6.42 2.71
N VAL A 163 -11.93 -6.34 2.99
CA VAL A 163 -11.48 -6.03 4.34
C VAL A 163 -10.33 -5.04 4.24
N SER A 164 -10.47 -3.93 4.93
CA SER A 164 -9.52 -2.83 4.82
C SER A 164 -8.07 -3.20 5.10
N ASN A 165 -7.14 -2.58 4.36
CA ASN A 165 -5.76 -2.59 4.80
C ASN A 165 -5.65 -2.02 6.22
N SER A 166 -4.57 -2.37 6.90
CA SER A 166 -4.29 -1.87 8.24
C SER A 166 -2.81 -2.14 8.52
N VAL A 167 -2.28 -1.53 9.58
CA VAL A 167 -0.87 -1.68 9.93
C VAL A 167 -0.66 -1.80 11.44
N PRO A 168 0.51 -2.35 11.84
CA PRO A 168 0.84 -2.27 13.27
C PRO A 168 0.82 -0.82 13.76
N GLN A 169 0.38 -0.59 15.00
CA GLN A 169 0.28 0.77 15.50
C GLN A 169 1.65 1.47 15.60
N MET A 170 1.79 2.60 14.92
CA MET A 170 3.00 3.41 15.03
C MET A 170 3.05 4.10 16.40
N PRO A 171 4.27 4.40 16.87
CA PRO A 171 4.40 5.17 18.13
C PRO A 171 3.66 6.50 18.06
N ARG A 172 3.09 6.90 19.17
CA ARG A 172 2.38 8.17 19.25
C ARG A 172 3.08 9.12 20.17
N CYS A 173 2.83 10.40 20.01
CA CYS A 173 3.27 11.37 20.98
C CYS A 173 2.10 11.90 21.75
N LYS A 176 3.30 17.21 23.19
CA LYS A 176 4.12 17.84 22.17
C LYS A 176 3.51 19.12 21.67
N GLN A 177 4.27 20.20 21.66
CA GLN A 177 3.76 21.45 21.14
C GLN A 177 3.88 21.47 19.64
N LEU A 178 2.93 22.11 18.99
CA LEU A 178 2.94 22.35 17.56
C LEU A 178 4.22 23.07 17.08
N GLN A 179 4.91 22.45 16.12
CA GLN A 179 6.14 23.03 15.59
C GLN A 179 6.00 23.29 14.11
N TYR A 180 4.79 23.07 13.60
CA TYR A 180 4.47 23.22 12.17
C TYR A 180 5.33 22.29 11.30
N LYS A 181 5.65 21.10 11.83
CA LYS A 181 6.48 20.16 11.07
C LYS A 181 5.64 19.20 10.20
N VAL A 182 5.76 19.35 8.89
CA VAL A 182 5.08 18.50 7.93
C VAL A 182 5.99 17.34 7.49
N LEU A 183 5.39 16.18 7.31
CA LEU A 183 6.13 15.00 6.96
C LEU A 183 5.55 14.39 5.69
N PHE A 184 6.42 14.11 4.72
CA PHE A 184 6.05 13.36 3.51
C PHE A 184 6.80 12.02 3.54
N VAL A 185 6.06 10.93 3.36
CA VAL A 185 6.65 9.59 3.31
C VAL A 185 6.22 8.89 2.03
N GLY A 186 7.19 8.49 1.20
CA GLY A 186 6.91 7.75 -0.02
C GLY A 186 7.96 7.94 -1.10
N ARG A 187 7.92 7.11 -2.15
CA ARG A 187 8.84 7.25 -3.30
C ARG A 187 8.76 8.65 -3.88
N LEU A 188 9.84 9.14 -4.47
CA LEU A 188 9.87 10.51 -4.96
C LEU A 188 9.48 10.63 -6.46
N THR A 189 9.32 9.48 -7.11
CA THR A 189 8.95 9.44 -8.52
C THR A 189 7.44 9.45 -8.72
N HIS A 190 6.98 10.02 -9.84
CA HIS A 190 5.55 10.09 -10.17
C HIS A 190 4.91 8.71 -10.13
N PRO A 191 3.63 8.63 -9.75
CA PRO A 191 2.62 9.69 -9.53
C PRO A 191 2.82 10.53 -8.26
N LYS A 192 3.73 10.12 -7.38
CA LYS A 192 4.01 10.89 -6.16
C LYS A 192 4.56 12.28 -6.53
N ARG A 193 4.18 13.29 -5.76
CA ARG A 193 4.49 14.67 -6.13
C ARG A 193 5.04 15.55 -5.00
N PRO A 194 6.15 15.13 -4.37
CA PRO A 194 6.71 15.90 -3.26
C PRO A 194 7.17 17.29 -3.69
N GLU A 195 7.51 17.46 -4.96
CA GLU A 195 7.96 18.74 -5.49
C GLU A 195 6.89 19.80 -5.29
N LEU A 196 5.63 19.38 -5.41
CA LEU A 196 4.49 20.26 -5.24
C LEU A 196 4.36 20.73 -3.78
N LEU A 197 4.58 19.81 -2.85
CA LEU A 197 4.44 20.09 -1.43
C LEU A 197 5.60 20.95 -0.95
N ALA A 198 6.81 20.58 -1.34
CA ALA A 198 8.02 21.28 -0.93
C ALA A 198 7.99 22.73 -1.40
N ASN A 199 7.52 22.91 -2.62
CA ASN A 199 7.35 24.24 -3.19
C ASN A 199 6.45 25.09 -2.34
N VAL A 200 5.30 24.54 -1.95
CA VAL A 200 4.37 25.28 -1.10
C VAL A 200 4.98 25.66 0.25
N ILE A 201 5.62 24.69 0.89
CA ILE A 201 6.17 24.90 2.22
C ILE A 201 7.42 25.78 2.18
N SER A 202 8.16 25.73 1.07
CA SER A 202 9.37 26.55 0.93
C SER A 202 9.07 28.05 1.07
N LYS A 203 7.86 28.44 0.69
CA LYS A 203 7.46 29.85 0.72
C LYS A 203 6.81 30.24 2.06
N LYS A 204 6.88 29.33 3.03
CA LYS A 204 6.34 29.56 4.36
C LYS A 204 7.37 29.17 5.42
N PRO A 205 8.27 30.11 5.80
CA PRO A 205 9.47 29.81 6.59
C PRO A 205 9.19 29.32 8.02
N GLN A 206 8.01 29.63 8.55
CA GLN A 206 7.62 29.12 9.86
C GLN A 206 7.19 27.64 9.83
N TYR A 207 6.82 27.13 8.65
CA TYR A 207 6.55 25.69 8.50
C TYR A 207 7.84 24.95 8.14
N SER A 208 7.80 23.63 8.18
CA SER A 208 8.93 22.84 7.67
C SER A 208 8.46 21.53 7.03
N LEU A 209 9.23 21.04 6.07
CA LEU A 209 8.93 19.76 5.44
C LEU A 209 10.11 18.81 5.59
N HIS A 210 9.83 17.62 6.11
CA HIS A 210 10.77 16.50 6.01
C HIS A 210 10.20 15.47 5.05
N ILE A 211 11.01 15.08 4.08
CA ILE A 211 10.58 14.09 3.11
C ILE A 211 11.33 12.78 3.34
N VAL A 212 10.57 11.70 3.52
CA VAL A 212 11.17 10.38 3.67
C VAL A 212 10.87 9.53 2.42
N GLY A 213 11.92 9.16 1.69
CA GLY A 213 11.79 8.36 0.47
C GLY A 213 13.01 8.42 -0.42
N SER A 220 14.70 12.02 -7.86
CA SER A 220 15.54 11.05 -7.17
C SER A 220 17.04 11.37 -7.33
N LEU A 221 17.58 12.18 -6.43
CA LEU A 221 16.82 12.92 -5.43
C LEU A 221 17.01 14.40 -5.77
N LYS A 222 16.53 15.31 -4.91
CA LYS A 222 16.35 16.72 -5.25
C LYS A 222 17.29 17.65 -4.51
N LYS A 223 17.70 18.68 -5.23
CA LYS A 223 18.42 19.79 -4.67
C LYS A 223 17.89 21.06 -5.34
N GLN A 224 16.66 20.96 -5.86
CA GLN A 224 15.95 22.16 -6.29
C GLN A 224 15.70 23.07 -5.09
N PHE A 225 15.61 22.49 -3.90
CA PHE A 225 15.32 23.26 -2.70
C PHE A 225 16.56 23.34 -1.82
N SER A 226 17.70 23.17 -2.46
CA SER A 226 18.99 23.14 -1.77
C SER A 226 19.24 24.38 -0.94
N GLU A 227 18.61 25.50 -1.29
CA GLU A 227 18.73 26.75 -0.53
C GLU A 227 17.46 27.19 0.18
N CYS A 228 16.45 26.31 0.22
CA CYS A 228 15.28 26.52 1.08
C CYS A 228 15.60 25.94 2.45
N GLU A 229 15.70 26.79 3.46
CA GLU A 229 16.12 26.35 4.79
C GLU A 229 15.12 25.43 5.50
N ASN A 230 13.88 25.38 5.04
CA ASN A 230 12.86 24.62 5.78
C ASN A 230 12.42 23.35 5.06
N ILE A 231 13.19 22.96 4.04
CA ILE A 231 12.94 21.73 3.30
C ILE A 231 14.08 20.74 3.55
N HIS A 232 13.75 19.55 4.02
CA HIS A 232 14.78 18.57 4.39
C HIS A 232 14.49 17.21 3.77
N PHE A 233 15.43 16.70 3.01
CA PHE A 233 15.34 15.35 2.48
C PHE A 233 16.16 14.40 3.35
N LEU A 234 15.50 13.36 3.84
CA LEU A 234 16.14 12.36 4.67
C LEU A 234 16.55 11.18 3.81
N GLY A 235 16.09 11.17 2.57
CA GLY A 235 16.35 10.05 1.68
C GLY A 235 15.54 8.85 2.11
N GLU A 236 15.89 7.67 1.59
CA GLU A 236 15.11 6.48 1.88
C GLU A 236 15.38 6.02 3.30
N VAL A 237 14.32 5.71 4.03
CA VAL A 237 14.42 5.16 5.38
C VAL A 237 13.49 3.95 5.45
N ASN A 238 14.07 2.75 5.38
CA ASN A 238 13.28 1.55 5.21
C ASN A 238 12.33 1.23 6.36
N ASN A 239 12.77 1.42 7.59
CA ASN A 239 11.89 1.09 8.70
C ASN A 239 11.41 2.34 9.42
N PHE A 240 10.84 3.29 8.69
CA PHE A 240 10.51 4.58 9.26
C PHE A 240 9.36 4.44 10.25
N TYR A 241 9.57 4.88 11.48
CA TYR A 241 8.52 4.79 12.49
C TYR A 241 8.42 6.05 13.31
N ASN A 242 9.00 7.14 12.81
CA ASN A 242 9.10 8.37 13.58
C ASN A 242 8.04 9.42 13.25
N TYR A 243 6.86 8.96 12.82
CA TYR A 243 5.71 9.85 12.57
C TYR A 243 5.45 10.76 13.78
N HIS A 244 5.66 10.21 14.97
CA HIS A 244 5.35 10.93 16.22
C HIS A 244 6.22 12.17 16.44
N GLU A 245 7.26 12.37 15.63
CA GLU A 245 8.06 13.57 15.76
C GLU A 245 7.46 14.73 14.97
N TYR A 246 6.41 14.46 14.18
CA TYR A 246 5.86 15.47 13.29
C TYR A 246 4.43 15.84 13.65
N ASP A 247 3.97 16.96 13.08
CA ASP A 247 2.67 17.51 13.42
C ASP A 247 1.61 17.19 12.39
N LEU A 248 2.03 17.02 11.15
CA LEU A 248 1.13 16.77 10.04
C LEU A 248 1.76 15.82 9.01
N PHE A 249 1.04 14.77 8.65
CA PHE A 249 1.47 13.91 7.57
C PHE A 249 0.79 14.36 6.27
N SER A 250 1.58 14.59 5.23
CA SER A 250 1.02 14.94 3.94
C SER A 250 1.57 14.06 2.82
N LEU A 251 0.66 13.44 2.09
CA LEU A 251 1.01 12.68 0.91
C LEU A 251 0.35 13.32 -0.31
N ILE A 252 1.16 13.91 -1.17
CA ILE A 252 0.66 14.49 -2.42
C ILE A 252 1.00 13.58 -3.60
N SER A 253 -0.02 13.14 -4.33
CA SER A 253 0.14 12.13 -5.37
C SER A 253 -1.02 12.13 -6.36
N ASP A 254 -0.71 11.78 -7.61
CA ASP A 254 -1.72 11.74 -8.67
C ASP A 254 -2.51 10.45 -8.61
N SER A 255 -2.00 9.48 -7.86
CA SER A 255 -2.59 8.15 -7.89
C SER A 255 -2.19 7.31 -6.68
N GLU A 256 -3.20 6.80 -5.98
CA GLU A 256 -2.99 5.98 -4.79
C GLU A 256 -4.13 4.97 -4.65
N GLY A 257 -3.86 3.90 -3.90
CA GLY A 257 -4.92 3.03 -3.43
C GLY A 257 -5.19 3.50 -2.02
N LEU A 258 -4.91 2.64 -1.05
CA LEU A 258 -4.97 3.00 0.37
C LEU A 258 -3.55 2.92 0.93
N PRO A 259 -2.83 4.05 0.88
CA PRO A 259 -1.37 4.06 1.11
C PRO A 259 -0.97 3.60 2.52
N MET A 260 0.02 2.71 2.59
CA MET A 260 0.51 2.20 3.86
C MET A 260 1.05 3.33 4.73
N SER A 261 1.74 4.29 4.13
CA SER A 261 2.31 5.40 4.88
C SER A 261 1.18 6.22 5.54
N GLY A 262 0.08 6.43 4.80
CA GLY A 262 -1.09 7.10 5.35
C GLY A 262 -1.71 6.31 6.49
N LEU A 263 -1.82 4.99 6.33
CA LEU A 263 -2.32 4.15 7.41
C LEU A 263 -1.44 4.27 8.65
N GLU A 264 -0.13 4.28 8.43
CA GLU A 264 0.84 4.37 9.53
C GLU A 264 0.71 5.69 10.29
N ALA A 265 0.69 6.81 9.55
CA ALA A 265 0.49 8.13 10.14
C ALA A 265 -0.81 8.17 10.94
N HIS A 266 -1.84 7.55 10.36
CA HIS A 266 -3.14 7.50 11.00
C HIS A 266 -3.03 6.84 12.38
N THR A 267 -2.39 5.68 12.45
CA THR A 267 -2.30 4.98 13.74
C THR A 267 -1.40 5.75 14.72
N ALA A 268 -0.62 6.70 14.21
CA ALA A 268 0.27 7.49 15.06
C ALA A 268 -0.43 8.78 15.55
N ALA A 269 -1.71 8.91 15.26
CA ALA A 269 -2.53 9.99 15.80
C ALA A 269 -2.03 11.34 15.35
N ILE A 270 -1.55 11.43 14.11
CA ILE A 270 -1.25 12.75 13.59
C ILE A 270 -2.17 13.09 12.40
N PRO A 271 -2.53 14.37 12.29
CA PRO A 271 -3.48 14.80 11.26
C PRO A 271 -2.90 14.58 9.86
N LEU A 272 -3.77 14.49 8.87
CA LEU A 272 -3.36 14.14 7.53
C LEU A 272 -3.81 15.20 6.53
N LEU A 273 -2.95 15.45 5.54
CA LEU A 273 -3.30 16.26 4.37
C LEU A 273 -3.01 15.45 3.11
N LEU A 274 -4.06 14.88 2.50
CA LEU A 274 -3.91 13.90 1.42
C LEU A 274 -4.54 14.33 0.09
N SER A 275 -3.90 13.98 -1.03
CA SER A 275 -4.54 14.14 -2.34
C SER A 275 -5.86 13.37 -2.41
N ASP A 276 -6.88 13.96 -2.99
CA ASP A 276 -8.18 13.31 -3.16
C ASP A 276 -8.18 12.27 -4.29
N VAL A 277 -7.33 11.26 -4.18
CA VAL A 277 -7.24 10.20 -5.18
C VAL A 277 -7.42 8.83 -4.51
N GLY A 278 -7.80 7.82 -5.29
CA GLY A 278 -7.96 6.47 -4.79
C GLY A 278 -8.75 6.35 -3.49
N GLY A 279 -8.17 5.70 -2.50
CA GLY A 279 -8.88 5.49 -1.25
C GLY A 279 -8.39 6.39 -0.12
N CYS A 280 -7.68 7.45 -0.46
CA CYS A 280 -7.18 8.37 0.58
C CYS A 280 -8.32 8.92 1.45
N PHE A 281 -9.47 9.22 0.84
CA PHE A 281 -10.61 9.74 1.60
C PHE A 281 -11.01 8.82 2.75
N GLU A 282 -10.69 7.52 2.64
CA GLU A 282 -11.08 6.55 3.68
C GLU A 282 -10.31 6.76 4.98
N LEU A 283 -9.24 7.55 4.90
CA LEU A 283 -8.40 7.86 6.04
C LEU A 283 -8.85 9.14 6.76
N ILE A 284 -9.74 9.87 6.11
CA ILE A 284 -10.13 11.18 6.59
C ILE A 284 -11.57 11.29 7.03
N GLU A 285 -11.77 11.60 8.30
CA GLU A 285 -13.02 12.10 8.79
C GLU A 285 -13.02 13.50 9.34
N GLY A 286 -12.38 13.74 10.47
CA GLY A 286 -12.28 15.05 11.03
C GLY A 286 -10.81 15.21 11.32
N ASN A 287 -10.04 14.20 10.99
CA ASN A 287 -8.62 14.14 11.35
C ASN A 287 -7.68 14.69 10.29
N GLY A 288 -8.22 15.40 9.31
CA GLY A 288 -7.40 16.03 8.30
C GLY A 288 -8.22 16.52 7.14
N LEU A 289 -7.55 16.79 6.02
CA LEU A 289 -8.20 17.35 4.84
C LEU A 289 -7.74 16.66 3.56
N LEU A 290 -8.62 16.65 2.57
CA LEU A 290 -8.31 16.17 1.23
C LEU A 290 -8.01 17.37 0.34
N VAL A 291 -7.00 17.24 -0.52
CA VAL A 291 -6.60 18.33 -1.40
C VAL A 291 -6.65 17.99 -2.89
N GLU A 292 -6.92 19.01 -3.70
CA GLU A 292 -6.60 19.06 -5.11
C GLU A 292 -5.12 19.30 -5.22
N ASN A 293 -4.45 18.72 -6.22
CA ASN A 293 -3.01 18.89 -6.35
C ASN A 293 -2.64 20.24 -6.96
N THR A 294 -3.28 21.29 -6.44
CA THR A 294 -3.02 22.69 -6.75
C THR A 294 -2.08 23.27 -5.71
N GLU A 295 -1.12 24.10 -6.11
CA GLU A 295 -0.29 24.80 -5.14
C GLU A 295 -1.15 25.69 -4.25
N ASP A 296 -2.18 26.28 -4.86
CA ASP A 296 -3.12 27.12 -4.12
C ASP A 296 -3.91 26.29 -3.14
N ASP A 297 -4.47 25.17 -3.59
CA ASP A 297 -5.35 24.38 -2.73
C ASP A 297 -4.58 23.73 -1.59
N ILE A 298 -3.34 23.33 -1.86
CA ILE A 298 -2.50 22.71 -0.86
C ILE A 298 -2.05 23.74 0.15
N GLY A 299 -1.67 24.92 -0.32
CA GLY A 299 -1.27 25.99 0.59
C GLY A 299 -2.42 26.45 1.49
N TYR A 300 -3.63 26.51 0.93
CA TYR A 300 -4.80 26.95 1.68
C TYR A 300 -5.19 25.94 2.76
N LYS A 301 -5.21 24.65 2.41
CA LYS A 301 -5.68 23.64 3.36
C LYS A 301 -4.59 23.29 4.39
N LEU A 302 -3.34 23.53 4.03
CA LEU A 302 -2.24 23.46 5.00
C LEU A 302 -2.39 24.51 6.11
N ASP A 303 -2.59 25.78 5.71
CA ASP A 303 -2.75 26.87 6.68
C ASP A 303 -4.01 26.64 7.48
N LYS A 304 -5.01 26.08 6.80
CA LYS A 304 -6.30 25.84 7.46
C LYS A 304 -6.11 24.87 8.63
N ILE A 305 -5.39 23.77 8.41
CA ILE A 305 -5.14 22.83 9.49
C ILE A 305 -4.25 23.47 10.56
N PHE A 306 -3.20 24.16 10.14
CA PHE A 306 -2.23 24.69 11.12
C PHE A 306 -2.81 25.89 11.90
N ASP A 307 -3.76 26.63 11.30
CA ASP A 307 -4.42 27.73 12.02
C ASP A 307 -5.45 27.19 13.01
N ASP A 308 -5.89 25.96 12.80
CA ASP A 308 -6.91 25.35 13.66
C ASP A 308 -6.44 23.97 14.13
N TYR A 309 -5.21 23.90 14.62
CA TYR A 309 -4.53 22.62 14.71
C TYR A 309 -5.07 21.68 15.77
N GLU A 310 -5.29 22.16 16.98
CA GLU A 310 -5.73 21.27 18.05
C GLU A 310 -7.05 20.58 17.74
N ASN A 311 -7.89 21.23 16.94
CA ASN A 311 -9.09 20.51 16.53
C ASN A 311 -8.73 19.32 15.59
N TYR A 312 -7.85 19.45 14.60
CA TYR A 312 -7.51 18.29 13.78
C TYR A 312 -6.71 17.23 14.58
N ARG A 313 -5.85 17.69 15.48
CA ARG A 313 -5.11 16.78 16.36
C ARG A 313 -6.03 15.94 17.26
N GLU A 314 -7.03 16.57 17.86
CA GLU A 314 -8.00 15.86 18.71
C GLU A 314 -8.71 14.75 17.94
N GLN A 315 -9.15 15.05 16.71
CA GLN A 315 -9.76 14.02 15.87
C GLN A 315 -8.76 12.94 15.43
N ALA A 316 -7.51 13.32 15.17
CA ALA A 316 -6.50 12.33 14.82
C ALA A 316 -6.34 11.37 16.00
N ILE A 317 -6.30 11.93 17.20
CA ILE A 317 -6.15 11.11 18.40
C ILE A 317 -7.34 10.17 18.53
N ARG A 318 -8.52 10.76 18.41
CA ARG A 318 -9.79 10.04 18.53
C ARG A 318 -9.88 8.86 17.57
N ALA A 319 -9.41 9.04 16.34
CA ALA A 319 -9.59 8.01 15.32
C ALA A 319 -8.46 6.99 15.27
N SER A 320 -7.41 7.20 16.05
CA SER A 320 -6.09 6.59 15.79
C SER A 320 -6.03 5.08 16.00
N GLY A 321 -7.02 4.54 16.69
CA GLY A 321 -7.18 3.09 16.78
C GLY A 321 -7.77 2.44 15.53
N LYS A 322 -8.27 3.22 14.58
CA LYS A 322 -9.10 2.66 13.52
C LYS A 322 -8.40 1.65 12.60
N PHE A 323 -7.15 1.93 12.25
CA PHE A 323 -6.50 1.12 11.24
C PHE A 323 -5.37 0.27 11.80
N VAL A 324 -5.53 -0.14 13.06
CA VAL A 324 -4.53 -0.94 13.76
C VAL A 324 -4.77 -2.42 13.46
N ILE A 325 -3.70 -3.10 13.06
CA ILE A 325 -3.83 -4.40 12.42
C ILE A 325 -4.46 -5.49 13.31
N GLU A 326 -4.37 -5.36 14.64
CA GLU A 326 -4.99 -6.32 15.54
C GLU A 326 -6.49 -6.42 15.32
N ASN A 327 -7.11 -5.33 14.91
CA ASN A 327 -8.56 -5.32 14.68
C ASN A 327 -8.96 -6.08 13.40
N TYR A 328 -7.99 -6.37 12.53
CA TYR A 328 -8.29 -7.02 11.26
C TYR A 328 -7.72 -8.43 11.14
N ALA A 329 -6.91 -8.83 12.11
CA ALA A 329 -6.13 -10.08 12.04
C ALA A 329 -6.97 -11.33 11.73
N SER A 330 -8.01 -11.57 12.51
CA SER A 330 -8.82 -12.77 12.31
C SER A 330 -9.49 -12.79 10.94
N ALA A 331 -9.95 -11.63 10.46
CA ALA A 331 -10.48 -11.54 9.10
C ALA A 331 -9.40 -11.89 8.06
N TYR A 332 -8.20 -11.34 8.23
CA TYR A 332 -7.09 -11.66 7.33
C TYR A 332 -6.82 -13.17 7.38
N LYS A 333 -6.73 -13.72 8.58
CA LYS A 333 -6.38 -15.13 8.75
C LYS A 333 -7.47 -16.03 8.18
N SER A 334 -8.72 -15.56 8.29
CA SER A 334 -9.85 -16.28 7.75
C SER A 334 -9.80 -16.37 6.20
N ILE A 335 -9.46 -15.27 5.54
CA ILE A 335 -9.32 -15.25 4.09
C ILE A 335 -8.20 -16.16 3.62
N ILE A 336 -7.07 -16.10 4.31
CA ILE A 336 -5.86 -16.76 3.86
C ILE A 336 -5.78 -18.22 4.29
N LEU A 337 -6.16 -18.50 5.54
CA LEU A 337 -5.93 -19.82 6.13
C LEU A 337 -7.20 -20.65 6.15
N GLY A 338 -8.31 -20.01 5.79
CA GLY A 338 -9.60 -20.68 5.78
C GLY A 338 -10.03 -21.04 4.37
#